data_9HML
#
_entry.id   9HML
#
_cell.length_a   97.171
_cell.length_b   97.171
_cell.length_c   109.202
_cell.angle_alpha   90
_cell.angle_beta   90
_cell.angle_gamma   120
#
_symmetry.space_group_name_H-M   'P 31 2 1'
#
loop_
_entity.id
_entity.type
_entity.pdbx_description
1 polymer 'RIFIN PfKE01_040007400'
2 polymer 'KIR2DL protein'
3 polymer 'nanobody Nb1'
4 branched alpha-L-fucopyranose-(1-6)-2-acetamido-2-deoxy-beta-D-glucopyranose
5 non-polymer 2-acetamido-2-deoxy-beta-D-glucopyranose
6 water water
#
loop_
_entity_poly.entity_id
_entity_poly.type
_entity_poly.pdbx_seq_one_letter_code
_entity_poly.pdbx_strand_id
1 'polypeptide(L)'
;GSAKGAAACEAARIPAAIDAVIKGIVTKFGVSTESVQGLKSLFTANTYNDVTKIARAINEQYNPSSCLTGGSGADNSICP
WAMENFFAARKIPGFIQREAVSMNDVIEKTVKTIVSDAPKTAETACKKATEGTGGSEPEA
;
A
2 'polypeptide(L)'
;TGRKPSLLAHPGPLVKSEETVILQCWSDVMFEHFLLHREGMFNDTLRLIGEHHDGVSKANFSISRMTQDLAGTYRCYGSV
THSPYQVSAPSDPLDIVIIGLYEKPSLSAQPGPTVLAGENVTLSCSSRSSYDMYHLSREGEAHERRLPAGPKVNGTFQAD
FPLGPATHGGTYRCFGSFHDSPYEWSKSSDPLLVSGTKHHHHHH
;
B
3 'polypeptide(L)'
;QRQLVESGGGLVQPGGSLRLSCAASGRSFSDYTMGWFRQAPGKEREFVAAISWSGGSTYADSVKGRFIISRDNVKNTVYL
QMNSLEPEDTAVYYCAAERTGWSSEYDYWGKGTPVTVSSGHHHHHH
;
C
#
# COMPACT_ATOMS: atom_id res chain seq x y z
N ALA A 11 -31.46 -28.83 -24.87
CA ALA A 11 -30.59 -28.77 -26.04
C ALA A 11 -29.52 -27.66 -25.91
N ALA A 12 -29.92 -26.42 -25.56
CA ALA A 12 -29.00 -25.29 -25.42
C ALA A 12 -28.46 -25.17 -23.98
N ARG A 13 -27.54 -26.08 -23.61
CA ARG A 13 -26.91 -26.20 -22.29
C ARG A 13 -26.21 -24.92 -21.78
N ILE A 14 -25.32 -24.32 -22.61
CA ILE A 14 -24.57 -23.14 -22.20
C ILE A 14 -25.44 -21.85 -22.15
N PRO A 15 -26.27 -21.48 -23.17
CA PRO A 15 -27.09 -20.26 -23.04
C PRO A 15 -28.04 -20.27 -21.83
N ALA A 16 -28.44 -21.47 -21.38
CA ALA A 16 -29.29 -21.66 -20.20
C ALA A 16 -28.50 -21.37 -18.92
N ALA A 17 -27.22 -21.79 -18.89
CA ALA A 17 -26.33 -21.56 -17.76
C ALA A 17 -25.97 -20.08 -17.63
N ILE A 18 -25.83 -19.37 -18.76
CA ILE A 18 -25.54 -17.94 -18.79
C ILE A 18 -26.75 -17.15 -18.25
N ASP A 19 -27.97 -17.57 -18.63
CA ASP A 19 -29.22 -16.97 -18.18
C ASP A 19 -29.50 -17.24 -16.69
N ALA A 20 -29.02 -18.38 -16.16
CA ALA A 20 -29.21 -18.72 -14.75
C ALA A 20 -28.27 -17.88 -13.85
N VAL A 21 -27.05 -17.59 -14.34
CA VAL A 21 -26.08 -16.75 -13.63
C VAL A 21 -26.61 -15.31 -13.58
N ILE A 22 -27.23 -14.84 -14.68
CA ILE A 22 -27.82 -13.50 -14.77
C ILE A 22 -29.02 -13.39 -13.81
N LYS A 23 -29.91 -14.40 -13.79
CA LYS A 23 -31.06 -14.40 -12.87
C LYS A 23 -30.61 -14.50 -11.40
N GLY A 24 -29.48 -15.17 -11.16
CA GLY A 24 -28.91 -15.32 -9.83
C GLY A 24 -28.44 -13.99 -9.29
N ILE A 25 -27.71 -13.22 -10.12
CA ILE A 25 -27.22 -11.89 -9.77
C ILE A 25 -28.39 -10.96 -9.52
N VAL A 26 -29.38 -10.98 -10.42
CA VAL A 26 -30.57 -10.15 -10.29
C VAL A 26 -31.30 -10.36 -8.95
N THR A 27 -31.71 -11.60 -8.64
CA THR A 27 -32.48 -11.87 -7.44
C THR A 27 -31.63 -11.76 -6.14
N LYS A 28 -30.33 -12.05 -6.20
CA LYS A 28 -29.49 -11.92 -5.02
C LYS A 28 -29.14 -10.44 -4.73
N PHE A 29 -28.56 -9.73 -5.71
CA PHE A 29 -28.14 -8.35 -5.53
C PHE A 29 -29.25 -7.30 -5.61
N GLY A 30 -30.43 -7.68 -6.12
CA GLY A 30 -31.57 -6.79 -6.26
C GLY A 30 -31.41 -5.73 -7.34
N VAL A 31 -30.50 -5.94 -8.28
CA VAL A 31 -30.27 -5.02 -9.38
C VAL A 31 -31.15 -5.40 -10.58
N SER A 32 -31.36 -4.48 -11.53
CA SER A 32 -32.27 -4.77 -12.65
C SER A 32 -31.73 -5.80 -13.64
N THR A 33 -32.64 -6.50 -14.34
CA THR A 33 -32.28 -7.49 -15.35
C THR A 33 -31.56 -6.83 -16.51
N GLU A 34 -32.06 -5.66 -16.92
CA GLU A 34 -31.47 -4.88 -18.01
C GLU A 34 -30.04 -4.46 -17.70
N SER A 35 -29.77 -4.02 -16.46
CA SER A 35 -28.43 -3.60 -16.03
C SER A 35 -27.40 -4.74 -16.03
N VAL A 36 -27.78 -5.94 -15.55
CA VAL A 36 -26.89 -7.11 -15.54
C VAL A 36 -26.63 -7.57 -16.99
N GLN A 37 -27.68 -7.56 -17.84
CA GLN A 37 -27.57 -7.93 -19.25
C GLN A 37 -26.75 -6.94 -20.10
N GLY A 38 -26.54 -5.72 -19.58
CA GLY A 38 -25.75 -4.69 -20.24
C GLY A 38 -24.32 -5.11 -20.46
N LEU A 39 -23.76 -5.89 -19.52
CA LEU A 39 -22.42 -6.46 -19.58
C LEU A 39 -22.44 -7.61 -20.60
N LYS A 40 -22.55 -7.26 -21.90
CA LYS A 40 -22.63 -8.22 -23.00
C LYS A 40 -21.34 -9.00 -23.18
N SER A 41 -20.19 -8.33 -23.11
CA SER A 41 -18.88 -8.99 -23.21
C SER A 41 -18.63 -9.94 -22.03
N LEU A 42 -19.17 -9.62 -20.85
CA LEU A 42 -19.02 -10.45 -19.67
C LEU A 42 -19.84 -11.75 -19.75
N PHE A 43 -21.12 -11.67 -20.17
CA PHE A 43 -21.96 -12.85 -20.22
C PHE A 43 -21.89 -13.63 -21.54
N THR A 44 -20.67 -14.00 -21.93
CA THR A 44 -20.41 -14.83 -23.09
C THR A 44 -20.07 -16.26 -22.61
N ALA A 45 -20.03 -17.25 -23.52
CA ALA A 45 -19.76 -18.64 -23.14
C ALA A 45 -18.41 -18.88 -22.48
N ASN A 46 -17.45 -17.96 -22.68
CA ASN A 46 -16.11 -18.13 -22.09
C ASN A 46 -15.93 -17.41 -20.76
N THR A 47 -16.77 -16.39 -20.46
CA THR A 47 -16.60 -15.63 -19.23
C THR A 47 -17.84 -15.53 -18.31
N TYR A 48 -18.97 -16.17 -18.67
CA TYR A 48 -20.21 -16.12 -17.85
C TYR A 48 -20.04 -16.69 -16.43
N ASN A 49 -19.04 -17.56 -16.24
CA ASN A 49 -18.78 -18.22 -14.97
C ASN A 49 -17.43 -17.78 -14.35
N ASP A 50 -16.83 -16.68 -14.85
CA ASP A 50 -15.59 -16.15 -14.35
C ASP A 50 -15.96 -15.28 -13.14
N VAL A 51 -15.93 -15.86 -11.95
CA VAL A 51 -16.25 -15.25 -10.66
C VAL A 51 -15.52 -13.94 -10.42
N THR A 52 -14.21 -13.87 -10.71
CA THR A 52 -13.43 -12.65 -10.52
C THR A 52 -13.90 -11.50 -11.39
N LYS A 53 -14.10 -11.75 -12.71
CA LYS A 53 -14.55 -10.74 -13.64
C LYS A 53 -15.95 -10.24 -13.32
N ILE A 54 -16.85 -11.13 -12.92
CA ILE A 54 -18.23 -10.76 -12.58
C ILE A 54 -18.27 -9.90 -11.32
N ALA A 55 -17.52 -10.29 -10.26
CA ALA A 55 -17.50 -9.53 -9.02
C ALA A 55 -16.92 -8.12 -9.24
N ARG A 56 -15.84 -8.01 -10.04
CA ARG A 56 -15.23 -6.73 -10.37
C ARG A 56 -16.19 -5.91 -11.24
N ALA A 57 -16.94 -6.55 -12.15
CA ALA A 57 -17.90 -5.83 -13.01
C ALA A 57 -19.03 -5.27 -12.18
N ILE A 58 -19.51 -6.03 -11.20
CA ILE A 58 -20.56 -5.58 -10.28
C ILE A 58 -20.09 -4.35 -9.48
N ASN A 59 -18.84 -4.37 -8.99
CA ASN A 59 -18.30 -3.25 -8.21
C ASN A 59 -18.09 -2.02 -9.10
N GLU A 60 -17.60 -2.24 -10.30
CA GLU A 60 -17.32 -1.18 -11.27
C GLU A 60 -18.59 -0.45 -11.75
N GLN A 61 -19.64 -1.21 -12.06
CA GLN A 61 -20.89 -0.68 -12.59
C GLN A 61 -21.84 -0.13 -11.50
N TYR A 62 -22.05 -0.86 -10.39
CA TYR A 62 -22.99 -0.41 -9.36
C TYR A 62 -22.36 0.43 -8.27
N ASN A 63 -21.03 0.47 -8.17
CA ASN A 63 -20.31 1.17 -7.10
C ASN A 63 -20.95 1.00 -5.68
N PRO A 64 -21.03 -0.23 -5.14
CA PRO A 64 -21.70 -0.41 -3.83
C PRO A 64 -21.11 0.41 -2.66
N SER A 65 -19.86 0.90 -2.79
CA SER A 65 -19.29 1.76 -1.74
C SER A 65 -20.05 3.10 -1.61
N SER A 66 -20.83 3.50 -2.64
CA SER A 66 -21.69 4.68 -2.58
C SER A 66 -22.87 4.48 -1.61
N CYS A 67 -23.10 3.23 -1.13
CA CYS A 67 -24.13 2.85 -0.15
C CYS A 67 -23.67 3.05 1.30
N LEU A 68 -22.40 3.45 1.52
CA LEU A 68 -21.76 3.72 2.81
C LEU A 68 -22.69 4.52 3.75
N THR A 69 -23.21 5.66 3.29
CA THR A 69 -24.04 6.52 4.13
C THR A 69 -25.51 6.02 4.23
N GLY A 70 -25.92 5.05 3.42
CA GLY A 70 -27.26 4.48 3.53
C GLY A 70 -28.03 4.17 2.27
N GLY A 71 -27.80 4.95 1.23
CA GLY A 71 -28.54 4.82 -0.02
C GLY A 71 -29.61 5.89 -0.15
N SER A 72 -30.45 5.76 -1.17
CA SER A 72 -31.53 6.74 -1.40
C SER A 72 -32.91 6.16 -1.62
N GLY A 73 -33.01 4.84 -1.65
CA GLY A 73 -34.28 4.18 -1.94
C GLY A 73 -34.56 4.04 -3.43
N ALA A 74 -33.56 4.30 -4.29
CA ALA A 74 -33.71 4.15 -5.74
C ALA A 74 -34.01 2.71 -6.07
N ASP A 75 -34.91 2.49 -7.02
CA ASP A 75 -35.31 1.15 -7.40
C ASP A 75 -34.21 0.42 -8.15
N ASN A 76 -34.07 -0.89 -7.86
CA ASN A 76 -33.06 -1.74 -8.45
C ASN A 76 -31.63 -1.28 -8.11
N SER A 77 -31.47 -0.75 -6.90
CA SER A 77 -30.18 -0.34 -6.39
C SER A 77 -29.58 -1.55 -5.63
N ILE A 78 -28.25 -1.67 -5.64
CA ILE A 78 -27.54 -2.72 -4.89
C ILE A 78 -27.47 -2.40 -3.38
N CYS A 79 -27.80 -1.15 -2.98
CA CYS A 79 -27.74 -0.66 -1.60
C CYS A 79 -28.51 -1.51 -0.60
N PRO A 80 -29.78 -1.94 -0.79
CA PRO A 80 -30.41 -2.86 0.19
C PRO A 80 -29.58 -4.13 0.39
N TRP A 81 -29.01 -4.73 -0.67
CA TRP A 81 -28.15 -5.91 -0.54
C TRP A 81 -26.89 -5.56 0.28
N ALA A 82 -26.28 -4.40 0.01
CA ALA A 82 -25.07 -3.94 0.68
C ALA A 82 -25.33 -3.66 2.16
N MET A 83 -26.54 -3.22 2.51
CA MET A 83 -26.87 -2.94 3.90
C MET A 83 -27.05 -4.25 4.64
N GLU A 84 -27.86 -5.14 4.07
CA GLU A 84 -28.17 -6.44 4.66
C GLU A 84 -26.96 -7.36 4.76
N ASN A 85 -25.97 -7.22 3.87
CA ASN A 85 -24.83 -8.13 3.84
C ASN A 85 -23.48 -7.50 4.17
N PHE A 86 -23.43 -6.19 4.45
CA PHE A 86 -22.16 -5.56 4.76
C PHE A 86 -22.26 -4.39 5.78
N PHE A 87 -22.86 -3.25 5.37
CA PHE A 87 -22.93 -2.03 6.18
C PHE A 87 -23.73 -2.17 7.47
N ALA A 88 -24.95 -2.69 7.39
CA ALA A 88 -25.81 -2.83 8.57
C ALA A 88 -26.00 -4.28 9.02
N ALA A 89 -25.05 -5.15 8.67
CA ALA A 89 -25.12 -6.55 9.07
C ALA A 89 -24.65 -6.68 10.53
N ARG A 90 -25.35 -7.51 11.34
CA ARG A 90 -24.90 -7.76 12.71
C ARG A 90 -23.64 -8.64 12.61
N LYS A 91 -23.68 -9.66 11.74
CA LYS A 91 -22.53 -10.49 11.39
C LYS A 91 -22.60 -10.87 9.90
N ILE A 92 -21.47 -10.74 9.18
CA ILE A 92 -21.42 -11.06 7.75
C ILE A 92 -21.27 -12.56 7.54
N PRO A 93 -22.23 -13.19 6.85
CA PRO A 93 -22.14 -14.65 6.62
C PRO A 93 -21.00 -15.02 5.68
N GLY A 94 -20.11 -15.90 6.16
CA GLY A 94 -18.92 -16.32 5.42
C GLY A 94 -17.66 -15.62 5.89
N PHE A 95 -17.84 -14.48 6.58
CA PHE A 95 -16.77 -13.62 7.11
C PHE A 95 -17.08 -13.30 8.58
N ILE A 96 -17.56 -14.32 9.33
CA ILE A 96 -17.93 -14.19 10.73
C ILE A 96 -16.69 -14.19 11.62
N GLN A 97 -16.71 -13.36 12.68
CA GLN A 97 -15.59 -13.22 13.62
C GLN A 97 -14.32 -12.81 12.85
N ARG A 98 -14.44 -11.76 12.05
CA ARG A 98 -13.35 -11.29 11.19
C ARG A 98 -13.06 -9.80 11.48
N GLU A 99 -11.80 -9.46 11.85
CA GLU A 99 -11.40 -8.10 12.18
C GLU A 99 -11.56 -7.11 11.03
N ALA A 100 -11.34 -7.59 9.79
CA ALA A 100 -11.39 -6.78 8.59
C ALA A 100 -12.10 -7.54 7.50
N VAL A 101 -13.15 -6.95 6.95
CA VAL A 101 -13.90 -7.58 5.88
C VAL A 101 -13.99 -6.62 4.70
N SER A 102 -13.61 -7.08 3.51
CA SER A 102 -13.67 -6.26 2.30
C SER A 102 -15.00 -6.53 1.64
N MET A 103 -15.76 -5.46 1.28
CA MET A 103 -17.04 -5.59 0.59
C MET A 103 -16.89 -6.31 -0.76
N ASN A 104 -15.78 -6.09 -1.47
CA ASN A 104 -15.52 -6.78 -2.73
C ASN A 104 -15.36 -8.28 -2.54
N ASP A 105 -14.78 -8.72 -1.40
CA ASP A 105 -14.66 -10.14 -1.08
C ASP A 105 -16.03 -10.73 -0.78
N VAL A 106 -16.92 -9.96 -0.14
CA VAL A 106 -18.30 -10.37 0.15
C VAL A 106 -19.10 -10.49 -1.16
N ILE A 107 -18.87 -9.59 -2.11
CA ILE A 107 -19.52 -9.64 -3.43
C ILE A 107 -19.00 -10.86 -4.18
N GLU A 108 -17.66 -11.08 -4.13
CA GLU A 108 -17.04 -12.22 -4.75
C GLU A 108 -17.51 -13.58 -4.20
N LYS A 109 -17.68 -13.70 -2.88
CA LYS A 109 -18.19 -14.93 -2.29
C LYS A 109 -19.62 -15.21 -2.72
N THR A 110 -20.44 -14.14 -2.82
CA THR A 110 -21.83 -14.18 -3.28
C THR A 110 -21.91 -14.63 -4.76
N VAL A 111 -21.05 -14.05 -5.62
CA VAL A 111 -20.96 -14.42 -7.04
C VAL A 111 -20.53 -15.89 -7.18
N LYS A 112 -19.56 -16.33 -6.36
CA LYS A 112 -19.07 -17.70 -6.37
C LYS A 112 -20.19 -18.72 -6.03
N THR A 113 -21.12 -18.36 -5.13
CA THR A 113 -22.24 -19.21 -4.79
C THR A 113 -23.26 -19.19 -5.95
N ILE A 114 -23.49 -18.01 -6.56
CA ILE A 114 -24.39 -17.88 -7.72
C ILE A 114 -23.93 -18.80 -8.88
N VAL A 115 -22.64 -18.70 -9.25
CA VAL A 115 -22.03 -19.48 -10.32
C VAL A 115 -22.08 -21.00 -10.01
N SER A 116 -21.91 -21.41 -8.74
CA SER A 116 -21.97 -22.81 -8.36
C SER A 116 -23.39 -23.36 -8.42
N ASP A 117 -24.37 -22.58 -7.95
CA ASP A 117 -25.76 -23.01 -7.94
C ASP A 117 -26.46 -22.90 -9.30
N ALA A 118 -25.84 -22.21 -10.29
CA ALA A 118 -26.40 -22.03 -11.63
C ALA A 118 -26.66 -23.34 -12.41
N PRO A 119 -25.72 -24.31 -12.51
CA PRO A 119 -26.04 -25.56 -13.22
C PRO A 119 -27.10 -26.43 -12.51
N LYS A 120 -27.27 -26.24 -11.19
CA LYS A 120 -28.24 -26.98 -10.40
C LYS A 120 -29.65 -26.43 -10.64
N THR A 121 -29.78 -25.10 -10.72
CA THR A 121 -31.09 -24.44 -10.89
C THR A 121 -31.63 -24.44 -12.32
N ALA A 122 -30.78 -24.14 -13.31
CA ALA A 122 -31.19 -24.10 -14.73
C ALA A 122 -31.64 -25.49 -15.22
N GLU A 123 -30.88 -26.53 -14.86
CA GLU A 123 -31.18 -27.91 -15.24
C GLU A 123 -32.48 -28.38 -14.59
N THR A 124 -32.68 -28.04 -13.30
CA THR A 124 -33.90 -28.43 -12.59
C THR A 124 -35.03 -27.42 -12.81
N ARG B 3 -19.04 11.80 15.12
CA ARG B 3 -17.89 12.70 15.01
C ARG B 3 -16.71 12.09 14.24
N LYS B 4 -16.00 12.94 13.46
CA LYS B 4 -14.85 12.64 12.59
C LYS B 4 -13.68 11.91 13.24
N PRO B 5 -13.43 10.64 12.85
CA PRO B 5 -12.23 9.94 13.36
C PRO B 5 -10.93 10.39 12.67
N SER B 6 -9.79 9.97 13.21
CA SER B 6 -8.49 10.24 12.61
C SER B 6 -8.03 9.04 11.78
N LEU B 7 -7.32 9.29 10.67
CA LEU B 7 -6.81 8.24 9.79
C LEU B 7 -5.35 8.52 9.44
N LEU B 8 -4.44 7.60 9.81
CA LEU B 8 -3.02 7.76 9.52
C LEU B 8 -2.38 6.52 8.86
N ALA B 9 -1.20 6.67 8.27
CA ALA B 9 -0.51 5.54 7.64
C ALA B 9 0.82 5.29 8.35
N HIS B 10 1.14 4.02 8.60
CA HIS B 10 2.38 3.64 9.27
C HIS B 10 3.14 2.63 8.44
N PRO B 11 4.45 2.83 8.18
CA PRO B 11 5.29 3.96 8.60
C PRO B 11 5.03 5.27 7.85
N GLY B 12 4.37 5.19 6.70
CA GLY B 12 3.99 6.32 5.88
C GLY B 12 3.07 5.91 4.76
N PRO B 13 2.51 6.90 4.04
CA PRO B 13 1.55 6.59 2.96
C PRO B 13 2.11 6.39 1.55
N LEU B 14 3.43 6.56 1.37
CA LEU B 14 4.10 6.42 0.07
C LEU B 14 4.75 5.05 0.06
N VAL B 15 4.05 4.11 -0.54
CA VAL B 15 4.37 2.68 -0.42
C VAL B 15 4.96 2.08 -1.69
N LYS B 16 6.10 1.40 -1.58
CA LYS B 16 6.69 0.69 -2.72
C LYS B 16 5.84 -0.52 -3.10
N SER B 17 5.90 -0.94 -4.37
CA SER B 17 5.20 -2.15 -4.84
C SER B 17 5.56 -3.37 -4.00
N GLU B 18 4.54 -4.19 -3.66
CA GLU B 18 4.69 -5.42 -2.89
C GLU B 18 5.09 -5.21 -1.44
N GLU B 19 5.15 -3.95 -0.96
CA GLU B 19 5.52 -3.67 0.40
C GLU B 19 4.27 -3.40 1.27
N THR B 20 4.47 -3.03 2.51
CA THR B 20 3.50 -2.97 3.58
C THR B 20 3.19 -1.57 4.05
N VAL B 21 1.97 -1.41 4.53
CA VAL B 21 1.51 -0.20 5.14
C VAL B 21 0.33 -0.56 6.04
N ILE B 22 0.25 0.10 7.19
CA ILE B 22 -0.85 -0.08 8.09
C ILE B 22 -1.63 1.23 8.13
N LEU B 23 -2.93 1.15 7.90
CA LEU B 23 -3.79 2.32 7.96
C LEU B 23 -4.50 2.26 9.30
N GLN B 24 -4.40 3.30 10.13
CA GLN B 24 -5.07 3.28 11.43
C GLN B 24 -6.19 4.29 11.54
N CYS B 25 -7.35 3.81 11.92
CA CYS B 25 -8.54 4.61 12.20
C CYS B 25 -8.60 4.71 13.71
N TRP B 26 -8.81 5.90 14.26
CA TRP B 26 -8.97 6.03 15.70
C TRP B 26 -9.85 7.20 16.08
N SER B 27 -10.51 7.09 17.22
CA SER B 27 -11.39 8.14 17.72
C SER B 27 -11.56 8.01 19.22
N ASP B 28 -11.89 9.12 19.86
CA ASP B 28 -12.25 9.12 21.28
C ASP B 28 -13.78 8.80 21.46
N VAL B 29 -14.53 8.62 20.35
CA VAL B 29 -15.91 8.16 20.32
C VAL B 29 -15.80 6.63 20.16
N MET B 30 -16.44 5.89 21.08
CA MET B 30 -16.32 4.44 21.15
C MET B 30 -17.14 3.68 20.12
N PHE B 31 -16.74 3.80 18.82
CA PHE B 31 -17.39 3.14 17.69
C PHE B 31 -17.16 1.66 17.74
N GLU B 32 -18.23 0.87 17.61
CA GLU B 32 -18.12 -0.59 17.61
C GLU B 32 -17.42 -1.08 16.33
N HIS B 33 -17.61 -0.35 15.21
CA HIS B 33 -17.00 -0.67 13.92
C HIS B 33 -16.51 0.61 13.23
N PHE B 34 -15.64 0.43 12.23
CA PHE B 34 -15.13 1.49 11.36
C PHE B 34 -15.31 1.04 9.92
N LEU B 35 -15.60 1.99 9.03
CA LEU B 35 -15.74 1.73 7.62
C LEU B 35 -14.61 2.48 6.97
N LEU B 36 -13.67 1.77 6.35
CA LEU B 36 -12.57 2.41 5.66
C LEU B 36 -12.87 2.35 4.17
N HIS B 37 -13.20 3.49 3.60
CA HIS B 37 -13.52 3.59 2.18
C HIS B 37 -12.30 3.95 1.32
N ARG B 38 -12.13 3.29 0.17
CA ARG B 38 -11.08 3.63 -0.78
C ARG B 38 -11.69 4.12 -2.11
N GLU B 39 -11.23 5.27 -2.57
CA GLU B 39 -11.62 5.83 -3.86
C GLU B 39 -10.38 5.71 -4.73
N GLY B 40 -10.47 4.99 -5.83
CA GLY B 40 -9.35 4.82 -6.74
C GLY B 40 -9.75 4.04 -7.96
N MET B 41 -8.78 3.37 -8.59
CA MET B 41 -9.07 2.54 -9.75
C MET B 41 -9.95 1.34 -9.40
N PHE B 42 -10.00 0.93 -8.12
CA PHE B 42 -10.84 -0.16 -7.66
C PHE B 42 -11.40 0.23 -6.29
N ASN B 43 -12.62 0.77 -6.29
CA ASN B 43 -13.26 1.22 -5.07
C ASN B 43 -13.60 0.07 -4.17
N ASP B 44 -13.60 0.32 -2.85
CA ASP B 44 -13.94 -0.71 -1.89
C ASP B 44 -14.23 -0.11 -0.53
N THR B 45 -14.93 -0.88 0.31
CA THR B 45 -15.11 -0.50 1.69
C THR B 45 -14.64 -1.70 2.54
N LEU B 46 -13.95 -1.39 3.63
CA LEU B 46 -13.45 -2.39 4.56
C LEU B 46 -14.12 -2.16 5.89
N ARG B 47 -14.77 -3.19 6.43
CA ARG B 47 -15.42 -3.08 7.72
C ARG B 47 -14.45 -3.57 8.77
N LEU B 48 -14.04 -2.69 9.68
CA LEU B 48 -13.05 -3.02 10.69
C LEU B 48 -13.66 -3.02 12.10
N ILE B 49 -13.25 -3.97 12.93
CA ILE B 49 -13.72 -4.05 14.31
C ILE B 49 -13.10 -2.87 15.08
N GLY B 50 -13.91 -2.13 15.82
CA GLY B 50 -13.45 -1.04 16.67
C GLY B 50 -12.93 -1.62 17.96
N GLU B 51 -11.61 -1.57 18.18
CA GLU B 51 -11.00 -2.11 19.38
C GLU B 51 -10.93 -1.04 20.44
N HIS B 52 -11.48 -1.33 21.61
CA HIS B 52 -11.57 -0.34 22.68
C HIS B 52 -10.56 -0.53 23.78
N HIS B 53 -9.87 0.55 24.13
CA HIS B 53 -8.93 0.57 25.24
C HIS B 53 -8.75 1.98 25.75
N ASP B 54 -9.00 2.16 27.06
CA ASP B 54 -8.83 3.40 27.82
C ASP B 54 -9.37 4.66 27.13
N GLY B 55 -10.61 4.59 26.70
CA GLY B 55 -11.27 5.73 26.09
C GLY B 55 -11.07 5.91 24.61
N VAL B 56 -10.29 5.02 23.95
CA VAL B 56 -10.09 5.15 22.50
C VAL B 56 -10.58 3.91 21.73
N SER B 57 -11.15 4.15 20.54
CA SER B 57 -11.60 3.10 19.64
C SER B 57 -10.69 3.14 18.44
N LYS B 58 -9.94 2.06 18.18
CA LYS B 58 -8.96 1.99 17.08
C LYS B 58 -9.22 0.80 16.18
N ALA B 59 -8.79 0.87 14.93
CA ALA B 59 -8.88 -0.22 13.98
C ALA B 59 -7.75 -0.09 12.98
N ASN B 60 -7.07 -1.20 12.71
CA ASN B 60 -5.98 -1.23 11.75
C ASN B 60 -6.39 -1.98 10.49
N PHE B 61 -5.96 -1.47 9.34
CA PHE B 61 -6.13 -2.18 8.08
C PHE B 61 -4.71 -2.36 7.55
N SER B 62 -4.18 -3.60 7.59
CA SER B 62 -2.84 -3.85 7.11
C SER B 62 -2.82 -4.29 5.67
N ILE B 63 -2.07 -3.57 4.85
CA ILE B 63 -1.83 -3.97 3.48
C ILE B 63 -0.50 -4.72 3.54
N SER B 64 -0.54 -6.03 3.34
CA SER B 64 0.68 -6.87 3.40
C SER B 64 1.47 -6.91 2.09
N ARG B 65 0.91 -6.38 1.00
CA ARG B 65 1.52 -6.40 -0.31
C ARG B 65 0.83 -5.38 -1.17
N MET B 66 1.46 -4.19 -1.32
CA MET B 66 0.94 -3.06 -2.06
C MET B 66 0.74 -3.33 -3.54
N THR B 67 -0.49 -3.09 -4.01
CA THR B 67 -0.86 -3.26 -5.40
C THR B 67 -1.55 -1.99 -5.91
N GLN B 68 -1.73 -1.88 -7.24
CA GLN B 68 -2.43 -0.76 -7.86
C GLN B 68 -3.86 -0.68 -7.35
N ASP B 69 -4.52 -1.84 -7.21
CA ASP B 69 -5.90 -1.95 -6.70
C ASP B 69 -6.09 -1.31 -5.30
N LEU B 70 -5.04 -1.34 -4.44
CA LEU B 70 -5.12 -0.80 -3.09
C LEU B 70 -4.71 0.67 -2.99
N ALA B 71 -4.23 1.28 -4.08
CA ALA B 71 -3.85 2.69 -4.07
C ALA B 71 -5.08 3.56 -4.31
N GLY B 72 -5.17 4.64 -3.56
CA GLY B 72 -6.30 5.55 -3.66
C GLY B 72 -6.41 6.50 -2.48
N THR B 73 -7.52 7.23 -2.43
CA THR B 73 -7.79 8.18 -1.36
C THR B 73 -8.66 7.43 -0.39
N TYR B 74 -8.21 7.34 0.86
CA TYR B 74 -8.94 6.62 1.87
C TYR B 74 -9.61 7.57 2.84
N ARG B 75 -10.77 7.14 3.34
CA ARG B 75 -11.51 7.91 4.32
C ARG B 75 -12.07 6.94 5.32
N CYS B 76 -11.93 7.29 6.60
CA CYS B 76 -12.46 6.45 7.65
C CYS B 76 -13.72 7.00 8.32
N TYR B 77 -14.72 6.14 8.52
CA TYR B 77 -15.96 6.54 9.17
C TYR B 77 -16.20 5.63 10.36
N GLY B 78 -16.70 6.20 11.43
CA GLY B 78 -17.10 5.43 12.60
C GLY B 78 -18.54 4.98 12.45
N SER B 79 -18.85 3.76 12.85
CA SER B 79 -20.21 3.23 12.74
C SER B 79 -20.96 3.57 14.01
N VAL B 80 -22.09 4.29 13.88
CA VAL B 80 -22.87 4.73 15.03
C VAL B 80 -23.98 3.73 15.44
N THR B 81 -25.01 3.51 14.58
CA THR B 81 -26.11 2.60 14.88
C THR B 81 -26.48 1.70 13.67
N HIS B 82 -27.17 0.58 13.95
CA HIS B 82 -27.62 -0.37 12.93
C HIS B 82 -29.11 -0.19 12.57
N SER B 83 -30.01 -0.02 13.58
CA SER B 83 -31.45 0.14 13.30
C SER B 83 -31.72 1.52 12.67
N PRO B 84 -31.59 2.69 13.37
CA PRO B 84 -31.63 3.97 12.63
C PRO B 84 -30.20 4.13 12.05
N TYR B 85 -29.92 3.50 10.89
CA TYR B 85 -28.58 3.46 10.31
C TYR B 85 -27.87 4.81 10.28
N GLN B 86 -26.72 4.87 10.93
CA GLN B 86 -25.98 6.10 11.05
C GLN B 86 -24.47 5.83 11.06
N VAL B 87 -23.74 6.63 10.28
CA VAL B 87 -22.29 6.66 10.21
C VAL B 87 -21.84 8.08 10.58
N SER B 88 -20.64 8.20 11.10
CA SER B 88 -20.09 9.49 11.49
C SER B 88 -19.66 10.33 10.25
N ALA B 89 -19.16 11.55 10.49
CA ALA B 89 -18.55 12.35 9.42
C ALA B 89 -17.25 11.62 9.01
N PRO B 90 -16.86 11.66 7.73
CA PRO B 90 -15.61 10.97 7.32
C PRO B 90 -14.37 11.63 7.92
N SER B 91 -13.30 10.87 8.06
CA SER B 91 -12.02 11.39 8.49
C SER B 91 -11.47 12.32 7.36
N ASP B 92 -10.36 13.03 7.61
CA ASP B 92 -9.69 13.79 6.56
C ASP B 92 -9.15 12.77 5.53
N PRO B 93 -9.25 13.09 4.23
CA PRO B 93 -8.79 12.12 3.22
C PRO B 93 -7.31 11.79 3.31
N LEU B 94 -6.94 10.51 3.11
CA LEU B 94 -5.55 10.11 3.14
C LEU B 94 -5.15 9.35 1.87
N ASP B 95 -4.24 9.89 1.06
CA ASP B 95 -3.79 9.22 -0.14
C ASP B 95 -2.74 8.15 0.15
N ILE B 96 -3.03 6.92 -0.27
CA ILE B 96 -2.12 5.79 -0.17
C ILE B 96 -1.69 5.55 -1.61
N VAL B 97 -0.43 5.84 -1.89
CA VAL B 97 0.13 5.86 -3.23
C VAL B 97 1.18 4.75 -3.43
N ILE B 98 1.25 4.18 -4.63
CA ILE B 98 2.33 3.24 -4.95
C ILE B 98 3.45 4.07 -5.50
N ILE B 99 4.65 3.97 -4.95
CA ILE B 99 5.79 4.73 -5.44
C ILE B 99 6.92 3.78 -5.94
N GLY B 100 7.91 4.36 -6.61
CA GLY B 100 9.09 3.66 -7.14
C GLY B 100 8.93 3.05 -8.52
N LEU B 101 7.87 3.41 -9.26
CA LEU B 101 7.56 2.82 -10.56
C LEU B 101 8.29 3.41 -11.76
N TYR B 102 8.71 4.67 -11.66
CA TYR B 102 9.39 5.33 -12.78
C TYR B 102 10.70 5.97 -12.32
N GLU B 103 11.50 6.49 -13.26
CA GLU B 103 12.77 7.17 -13.04
C GLU B 103 12.61 8.29 -12.02
N LYS B 104 13.56 8.44 -11.08
CA LYS B 104 13.46 9.49 -10.08
C LYS B 104 13.69 10.91 -10.62
N PRO B 105 12.82 11.87 -10.24
CA PRO B 105 13.07 13.27 -10.62
C PRO B 105 14.18 13.90 -9.75
N SER B 106 14.56 15.13 -10.09
CA SER B 106 15.56 15.87 -9.35
C SER B 106 14.87 16.99 -8.57
N LEU B 107 15.35 17.24 -7.35
CA LEU B 107 14.77 18.27 -6.51
C LEU B 107 15.83 19.34 -6.20
N SER B 108 15.52 20.61 -6.49
CA SER B 108 16.48 21.69 -6.27
C SER B 108 15.90 22.83 -5.45
N ALA B 109 16.74 23.48 -4.63
CA ALA B 109 16.34 24.59 -3.77
C ALA B 109 17.04 25.89 -4.17
N ALA B 117 15.94 32.37 7.41
CA ALA B 117 14.78 32.35 8.30
C ALA B 117 13.80 33.44 7.93
N GLY B 118 12.56 33.05 7.64
CA GLY B 118 11.52 34.01 7.28
C GLY B 118 11.45 34.37 5.80
N GLU B 119 12.31 33.78 4.97
CA GLU B 119 12.32 34.09 3.53
C GLU B 119 11.50 33.05 2.71
N ASN B 120 11.03 33.47 1.52
CA ASN B 120 10.27 32.62 0.61
C ASN B 120 11.20 31.62 -0.09
N VAL B 121 11.01 30.32 0.16
CA VAL B 121 11.82 29.29 -0.48
C VAL B 121 10.97 28.57 -1.52
N THR B 122 11.52 28.31 -2.72
CA THR B 122 10.79 27.57 -3.75
C THR B 122 11.61 26.31 -4.16
N LEU B 123 10.93 25.14 -4.22
CA LEU B 123 11.54 23.85 -4.56
C LEU B 123 11.07 23.39 -5.94
N SER B 124 12.00 22.97 -6.81
CA SER B 124 11.64 22.58 -8.17
C SER B 124 11.81 21.09 -8.47
N CYS B 125 10.79 20.51 -9.12
CA CYS B 125 10.72 19.11 -9.53
C CYS B 125 11.04 18.96 -10.99
N SER B 126 12.19 18.38 -11.36
CA SER B 126 12.51 18.23 -12.79
C SER B 126 12.87 16.81 -13.22
N SER B 127 12.54 16.46 -14.47
CA SER B 127 12.85 15.17 -15.09
C SER B 127 12.80 15.30 -16.61
N ARG B 128 13.52 14.41 -17.33
CA ARG B 128 13.41 14.38 -18.80
C ARG B 128 12.14 13.60 -19.24
N SER B 129 11.59 12.75 -18.33
CA SER B 129 10.36 11.97 -18.53
C SER B 129 9.18 12.93 -18.59
N SER B 130 8.23 12.65 -19.48
CA SER B 130 7.07 13.53 -19.64
C SER B 130 5.96 13.27 -18.61
N TYR B 131 6.28 13.48 -17.32
CA TYR B 131 5.29 13.34 -16.25
C TYR B 131 4.22 14.41 -16.42
N ASP B 132 2.97 14.05 -16.12
CA ASP B 132 1.87 14.98 -16.23
C ASP B 132 1.73 15.78 -14.92
N MET B 133 1.95 15.12 -13.76
CA MET B 133 1.87 15.77 -12.46
C MET B 133 3.14 15.55 -11.66
N TYR B 134 3.50 16.51 -10.81
CA TYR B 134 4.61 16.43 -9.88
C TYR B 134 4.05 16.52 -8.45
N HIS B 135 4.68 15.80 -7.52
CA HIS B 135 4.21 15.76 -6.14
C HIS B 135 5.34 16.07 -5.19
N LEU B 136 5.12 17.02 -4.30
CA LEU B 136 6.10 17.40 -3.31
C LEU B 136 5.69 16.77 -1.99
N SER B 137 6.67 16.20 -1.28
CA SER B 137 6.40 15.56 -0.02
C SER B 137 7.32 16.05 1.07
N ARG B 138 6.74 16.51 2.17
CA ARG B 138 7.51 16.86 3.35
C ARG B 138 7.43 15.61 4.22
N GLU B 139 8.58 15.04 4.55
CA GLU B 139 8.68 13.82 5.34
C GLU B 139 7.99 13.96 6.68
N GLY B 140 7.13 13.00 7.01
CA GLY B 140 6.37 13.01 8.25
C GLY B 140 4.99 13.60 8.12
N GLU B 141 4.72 14.33 7.03
CA GLU B 141 3.44 14.98 6.81
C GLU B 141 2.55 14.21 5.82
N ALA B 142 1.44 13.64 6.34
CA ALA B 142 0.46 12.79 5.66
C ALA B 142 -0.09 13.29 4.32
N HIS B 143 -0.18 14.62 4.10
CA HIS B 143 -0.71 15.20 2.88
C HIS B 143 0.43 15.66 1.96
N GLU B 144 0.25 15.49 0.63
CA GLU B 144 1.24 15.92 -0.37
C GLU B 144 0.70 17.06 -1.23
N ARG B 145 1.59 17.88 -1.80
CA ARG B 145 1.16 18.96 -2.70
C ARG B 145 1.37 18.53 -4.14
N ARG B 146 0.41 18.82 -5.03
CA ARG B 146 0.55 18.44 -6.43
C ARG B 146 0.49 19.65 -7.36
N LEU B 147 1.17 19.55 -8.50
CA LEU B 147 1.24 20.61 -9.49
C LEU B 147 1.52 20.02 -10.85
N PRO B 148 0.86 20.52 -11.90
CA PRO B 148 1.14 20.01 -13.26
C PRO B 148 2.56 20.31 -13.73
N ALA B 149 3.00 19.62 -14.80
CA ALA B 149 4.32 19.83 -15.35
C ALA B 149 4.28 20.64 -16.64
N GLY B 150 5.24 21.53 -16.78
CA GLY B 150 5.38 22.34 -17.98
C GLY B 150 6.69 22.02 -18.68
N PRO B 151 6.73 22.13 -20.02
CA PRO B 151 7.99 21.81 -20.72
C PRO B 151 9.00 22.96 -20.75
N LYS B 152 10.29 22.65 -20.74
CA LYS B 152 11.34 23.66 -20.82
C LYS B 152 12.17 23.48 -22.11
N VAL B 153 12.90 24.54 -22.55
CA VAL B 153 13.72 24.43 -23.76
C VAL B 153 14.96 23.51 -23.57
N ASN B 154 15.20 23.00 -22.36
CA ASN B 154 16.30 22.08 -22.11
C ASN B 154 15.90 20.59 -22.26
N GLY B 155 14.69 20.32 -22.77
CA GLY B 155 14.17 18.95 -22.90
C GLY B 155 13.89 18.32 -21.55
N THR B 156 13.42 19.15 -20.60
CA THR B 156 13.15 18.76 -19.22
C THR B 156 11.83 19.37 -18.75
N PHE B 157 10.96 18.56 -18.13
CA PHE B 157 9.67 18.99 -17.58
C PHE B 157 9.85 19.41 -16.12
N GLN B 158 9.09 20.42 -15.67
CA GLN B 158 9.27 20.95 -14.33
C GLN B 158 8.00 21.46 -13.65
N ALA B 159 8.06 21.67 -12.32
CA ALA B 159 7.02 22.24 -11.48
C ALA B 159 7.69 22.91 -10.28
N ASP B 160 7.34 24.17 -9.99
CA ASP B 160 7.93 24.92 -8.88
C ASP B 160 6.94 24.99 -7.74
N PHE B 161 7.35 24.58 -6.55
CA PHE B 161 6.47 24.58 -5.39
C PHE B 161 6.85 25.68 -4.43
N PRO B 162 6.03 26.75 -4.33
CA PRO B 162 6.35 27.82 -3.38
C PRO B 162 6.01 27.45 -1.93
N LEU B 163 7.00 27.54 -1.04
CA LEU B 163 6.78 27.17 0.37
C LEU B 163 6.30 28.36 1.24
N GLY B 164 6.63 29.59 0.84
CA GLY B 164 6.21 30.78 1.56
C GLY B 164 6.95 31.02 2.87
N GLY B 170 12.13 21.29 6.95
CA GLY B 170 11.93 19.84 6.91
C GLY B 170 12.64 19.15 5.77
N THR B 171 12.47 17.81 5.67
CA THR B 171 13.07 16.98 4.64
C THR B 171 12.07 16.82 3.50
N TYR B 172 12.51 17.04 2.26
CA TYR B 172 11.60 17.03 1.12
C TYR B 172 11.98 16.04 0.05
N ARG B 173 10.95 15.49 -0.62
CA ARG B 173 11.13 14.53 -1.70
C ARG B 173 10.14 14.82 -2.80
N CYS B 174 10.55 14.54 -4.02
CA CYS B 174 9.82 14.89 -5.23
C CYS B 174 9.45 13.63 -6.05
N PHE B 175 8.25 13.62 -6.66
CA PHE B 175 7.75 12.46 -7.42
C PHE B 175 7.02 12.92 -8.69
N GLY B 176 7.06 12.10 -9.72
CA GLY B 176 6.32 12.35 -10.94
C GLY B 176 5.25 11.29 -11.18
N SER B 177 4.15 11.67 -11.84
CA SER B 177 3.08 10.72 -12.16
C SER B 177 2.39 11.04 -13.47
N PHE B 178 1.63 10.09 -14.00
CA PHE B 178 0.91 10.26 -15.24
C PHE B 178 -0.59 10.43 -15.01
N HIS B 179 -1.27 11.04 -15.99
CA HIS B 179 -2.68 11.36 -15.95
C HIS B 179 -3.58 10.14 -15.72
N ASP B 180 -3.34 9.05 -16.46
CA ASP B 180 -4.15 7.84 -16.39
C ASP B 180 -3.93 6.99 -15.12
N SER B 181 -2.97 7.35 -14.27
CA SER B 181 -2.75 6.63 -13.02
C SER B 181 -2.27 7.59 -11.91
N PRO B 182 -3.21 8.39 -11.37
CA PRO B 182 -2.83 9.43 -10.39
C PRO B 182 -2.24 8.96 -9.05
N TYR B 183 -2.36 7.65 -8.72
CA TYR B 183 -1.83 7.12 -7.47
C TYR B 183 -0.62 6.20 -7.65
N GLU B 184 0.04 6.27 -8.80
CA GLU B 184 1.20 5.46 -9.13
C GLU B 184 2.30 6.44 -9.46
N TRP B 185 3.21 6.66 -8.51
CA TRP B 185 4.25 7.67 -8.64
C TRP B 185 5.60 7.04 -8.97
N SER B 186 6.56 7.89 -9.32
CA SER B 186 7.90 7.50 -9.67
C SER B 186 8.71 7.16 -8.39
N LYS B 187 10.01 6.85 -8.57
CA LYS B 187 10.94 6.69 -7.47
C LYS B 187 11.10 8.09 -6.86
N SER B 188 11.29 8.16 -5.55
CA SER B 188 11.47 9.45 -4.90
C SER B 188 12.80 10.08 -5.34
N SER B 189 12.82 11.40 -5.47
CA SER B 189 14.04 12.15 -5.76
C SER B 189 14.94 12.02 -4.50
N ASP B 190 16.24 12.40 -4.59
CA ASP B 190 17.12 12.41 -3.42
C ASP B 190 16.54 13.44 -2.41
N PRO B 191 16.52 13.12 -1.11
CA PRO B 191 15.91 14.05 -0.16
C PRO B 191 16.65 15.39 -0.09
N LEU B 192 15.91 16.48 0.08
CA LEU B 192 16.47 17.82 0.17
C LEU B 192 16.10 18.40 1.53
N LEU B 193 17.09 18.56 2.40
CA LEU B 193 16.87 19.14 3.71
C LEU B 193 16.82 20.66 3.60
N VAL B 194 15.71 21.24 4.06
CA VAL B 194 15.55 22.69 4.06
C VAL B 194 15.77 23.18 5.50
N SER B 195 16.76 24.09 5.71
CA SER B 195 17.09 24.60 7.05
C SER B 195 17.16 26.11 7.10
N GLN C 1 19.00 13.06 7.53
CA GLN C 1 18.56 12.77 8.89
C GLN C 1 19.54 11.82 9.59
N ARG C 2 20.05 10.82 8.85
CA ARG C 2 20.94 9.82 9.44
C ARG C 2 22.43 9.95 9.09
N GLN C 3 23.26 9.29 9.92
CA GLN C 3 24.68 9.03 9.78
C GLN C 3 24.88 7.59 10.31
N LEU C 4 25.29 6.69 9.42
CA LEU C 4 25.46 5.28 9.66
C LEU C 4 26.95 4.96 9.78
N VAL C 5 27.36 4.17 10.79
CA VAL C 5 28.76 3.78 10.97
C VAL C 5 28.88 2.26 11.14
N GLU C 6 29.52 1.59 10.18
CA GLU C 6 29.74 0.14 10.22
C GLU C 6 31.02 -0.23 10.96
N SER C 7 31.04 -1.45 11.52
CA SER C 7 32.20 -2.01 12.21
C SER C 7 32.13 -3.56 12.20
N GLY C 8 33.24 -4.20 12.56
CA GLY C 8 33.31 -5.65 12.63
C GLY C 8 33.93 -6.32 11.43
N GLY C 9 34.33 -5.56 10.42
CA GLY C 9 34.93 -6.14 9.23
C GLY C 9 36.34 -6.65 9.48
N GLY C 10 36.83 -7.52 8.60
CA GLY C 10 38.17 -8.06 8.75
C GLY C 10 38.50 -9.31 7.95
N LEU C 11 39.63 -9.93 8.28
CA LEU C 11 40.14 -11.15 7.63
C LEU C 11 39.55 -12.38 8.29
N VAL C 12 39.11 -13.34 7.49
CA VAL C 12 38.49 -14.58 7.98
C VAL C 12 38.82 -15.75 7.01
N GLN C 13 38.96 -16.95 7.54
CA GLN C 13 39.25 -18.14 6.73
C GLN C 13 37.93 -18.71 6.14
N PRO C 14 37.98 -19.44 5.01
CA PRO C 14 36.74 -20.02 4.45
C PRO C 14 36.03 -20.93 5.45
N GLY C 15 34.72 -20.79 5.53
CA GLY C 15 33.89 -21.50 6.49
C GLY C 15 33.78 -20.78 7.83
N GLY C 16 34.54 -19.70 8.01
CA GLY C 16 34.52 -18.91 9.22
C GLY C 16 33.31 -17.99 9.32
N SER C 17 33.20 -17.28 10.43
CA SER C 17 32.08 -16.37 10.64
C SER C 17 32.54 -14.97 11.10
N LEU C 18 31.69 -13.98 10.86
CA LEU C 18 32.00 -12.61 11.22
C LEU C 18 30.70 -11.88 11.54
N ARG C 19 30.69 -10.97 12.52
CA ARG C 19 29.49 -10.20 12.83
C ARG C 19 29.71 -8.71 12.59
N LEU C 20 28.95 -8.12 11.65
CA LEU C 20 29.07 -6.70 11.38
C LEU C 20 28.02 -5.94 12.18
N SER C 21 28.33 -4.70 12.56
CA SER C 21 27.42 -3.82 13.29
C SER C 21 27.27 -2.49 12.56
N CYS C 22 26.14 -1.84 12.74
CA CYS C 22 25.92 -0.53 12.19
C CYS C 22 25.23 0.31 13.24
N ALA C 23 25.85 1.42 13.61
CA ALA C 23 25.33 2.39 14.58
C ALA C 23 24.68 3.51 13.78
N ALA C 24 23.41 3.79 14.07
CA ALA C 24 22.69 4.84 13.38
C ALA C 24 22.38 5.95 14.40
N SER C 25 22.74 7.21 14.08
CA SER C 25 22.50 8.31 15.02
C SER C 25 21.58 9.38 14.46
N GLY C 26 20.31 9.03 14.37
CA GLY C 26 19.24 9.92 13.92
C GLY C 26 17.91 9.64 14.61
N ARG C 27 16.92 10.51 14.40
CA ARG C 27 15.59 10.30 14.99
C ARG C 27 14.81 9.18 14.23
N SER C 28 13.69 8.70 14.82
CA SER C 28 12.77 7.72 14.23
C SER C 28 13.41 6.42 13.70
N PHE C 29 14.55 5.95 14.31
CA PHE C 29 15.25 4.73 13.82
C PHE C 29 14.36 3.51 13.62
N SER C 30 13.49 3.21 14.59
CA SER C 30 12.62 2.05 14.51
C SER C 30 11.72 2.04 13.25
N ASP C 31 11.43 3.21 12.66
CA ASP C 31 10.57 3.31 11.47
C ASP C 31 11.30 3.11 10.14
N TYR C 32 12.63 3.05 10.15
CA TYR C 32 13.39 2.83 8.95
C TYR C 32 13.56 1.35 8.65
N THR C 33 13.66 1.00 7.37
CA THR C 33 14.05 -0.33 6.96
C THR C 33 15.59 -0.22 6.86
N MET C 34 16.32 -1.13 7.50
CA MET C 34 17.78 -1.08 7.49
C MET C 34 18.30 -2.18 6.57
N GLY C 35 19.27 -1.85 5.74
CA GLY C 35 19.82 -2.84 4.82
C GLY C 35 21.33 -2.97 4.86
N TRP C 36 21.81 -4.13 4.38
CA TRP C 36 23.23 -4.43 4.21
C TRP C 36 23.41 -4.66 2.73
N PHE C 37 24.42 -4.02 2.17
CA PHE C 37 24.81 -4.10 0.76
C PHE C 37 26.30 -4.41 0.73
N ARG C 38 26.79 -4.92 -0.39
CA ARG C 38 28.20 -5.23 -0.52
C ARG C 38 28.72 -4.96 -1.92
N GLN C 39 29.98 -4.56 -2.02
CA GLN C 39 30.61 -4.33 -3.30
C GLN C 39 31.92 -5.11 -3.34
N ALA C 40 31.96 -6.15 -4.16
CA ALA C 40 33.15 -6.98 -4.34
C ALA C 40 34.08 -6.31 -5.40
N PRO C 41 35.39 -6.59 -5.38
CA PRO C 41 36.29 -5.97 -6.38
C PRO C 41 35.80 -6.17 -7.83
N GLY C 42 35.67 -5.07 -8.57
CA GLY C 42 35.23 -5.11 -9.95
C GLY C 42 33.76 -5.33 -10.18
N LYS C 43 32.96 -5.38 -9.11
CA LYS C 43 31.54 -5.59 -9.24
C LYS C 43 30.74 -4.39 -8.77
N GLU C 44 29.49 -4.32 -9.22
CA GLU C 44 28.52 -3.32 -8.80
C GLU C 44 28.07 -3.61 -7.37
N ARG C 45 27.65 -2.57 -6.66
CA ARG C 45 27.15 -2.70 -5.31
C ARG C 45 25.84 -3.51 -5.34
N GLU C 46 25.72 -4.52 -4.47
CA GLU C 46 24.56 -5.39 -4.47
C GLU C 46 23.91 -5.53 -3.11
N PHE C 47 22.61 -5.78 -3.10
CA PHE C 47 21.83 -6.00 -1.90
C PHE C 47 22.26 -7.31 -1.24
N VAL C 48 22.37 -7.34 0.11
CA VAL C 48 22.64 -8.60 0.79
C VAL C 48 21.46 -8.96 1.74
N ALA C 49 20.98 -8.03 2.58
CA ALA C 49 19.89 -8.30 3.51
C ALA C 49 19.20 -7.03 3.96
N ALA C 50 17.93 -7.13 4.36
CA ALA C 50 17.18 -6.00 4.89
C ALA C 50 16.28 -6.42 6.04
N ILE C 51 16.12 -5.52 6.98
CA ILE C 51 15.25 -5.69 8.11
C ILE C 51 14.26 -4.49 8.12
N SER C 52 12.99 -4.80 7.89
CA SER C 52 11.89 -3.88 7.83
C SER C 52 11.66 -3.18 9.17
N TRP C 53 10.93 -2.04 9.13
CA TRP C 53 10.44 -1.31 10.32
C TRP C 53 9.63 -2.29 11.24
N SER C 54 9.02 -3.33 10.66
CA SER C 54 8.25 -4.31 11.40
C SER C 54 9.08 -5.47 11.98
N GLY C 55 10.35 -5.57 11.60
CA GLY C 55 11.27 -6.60 12.03
C GLY C 55 11.44 -7.74 11.04
N GLY C 56 10.74 -7.71 9.92
CA GLY C 56 10.80 -8.75 8.91
C GLY C 56 12.08 -8.71 8.12
N SER C 57 12.66 -9.87 7.86
CA SER C 57 13.93 -9.96 7.14
C SER C 57 13.77 -10.41 5.67
N THR C 58 14.71 -9.96 4.85
CA THR C 58 14.80 -10.29 3.44
C THR C 58 16.27 -10.54 3.15
N TYR C 59 16.57 -11.52 2.30
CA TYR C 59 17.95 -11.85 1.98
C TYR C 59 18.13 -12.03 0.51
N ALA C 60 19.33 -11.70 0.02
CA ALA C 60 19.74 -12.00 -1.34
C ALA C 60 19.89 -13.52 -1.40
N ASP C 61 19.52 -14.15 -2.53
CA ASP C 61 19.61 -15.60 -2.67
C ASP C 61 21.03 -16.15 -2.50
N SER C 62 22.05 -15.35 -2.81
CA SER C 62 23.45 -15.77 -2.65
C SER C 62 23.89 -15.89 -1.17
N VAL C 63 23.11 -15.30 -0.26
CA VAL C 63 23.41 -15.22 1.17
C VAL C 63 22.42 -16.00 2.05
N LYS C 64 21.28 -16.43 1.47
CA LYS C 64 20.21 -17.19 2.09
C LYS C 64 20.71 -18.41 2.87
N GLY C 65 20.34 -18.49 4.13
CA GLY C 65 20.71 -19.57 5.03
C GLY C 65 22.02 -19.37 5.75
N ARG C 66 22.90 -18.49 5.26
CA ARG C 66 24.21 -18.29 5.86
C ARG C 66 24.30 -17.01 6.67
N PHE C 67 23.60 -15.95 6.24
CA PHE C 67 23.65 -14.67 6.95
C PHE C 67 22.34 -14.43 7.68
N ILE C 68 22.42 -13.70 8.80
CA ILE C 68 21.24 -13.32 9.57
C ILE C 68 21.27 -11.82 9.86
N ILE C 69 20.20 -11.10 9.50
CA ILE C 69 20.08 -9.69 9.81
C ILE C 69 19.21 -9.50 11.09
N SER C 70 19.57 -8.58 11.95
CA SER C 70 18.82 -8.27 13.15
C SER C 70 18.96 -6.79 13.48
N ARG C 71 18.02 -6.25 14.26
CA ARG C 71 18.06 -4.85 14.64
C ARG C 71 17.80 -4.71 16.16
N ASP C 72 18.35 -3.68 16.75
CA ASP C 72 18.15 -3.36 18.16
C ASP C 72 17.65 -1.91 18.18
N ASN C 73 16.34 -1.73 18.43
CA ASN C 73 15.70 -0.42 18.48
C ASN C 73 15.94 0.37 19.76
N VAL C 74 16.60 -0.23 20.77
CA VAL C 74 16.96 0.47 21.99
C VAL C 74 18.32 1.19 21.73
N LYS C 75 19.26 0.45 21.15
CA LYS C 75 20.59 0.95 20.84
C LYS C 75 20.70 1.63 19.47
N ASN C 76 19.67 1.52 18.60
CA ASN C 76 19.65 2.04 17.22
C ASN C 76 20.76 1.42 16.39
N THR C 77 20.83 0.09 16.43
CA THR C 77 21.88 -0.67 15.76
C THR C 77 21.32 -1.80 14.84
N VAL C 78 22.10 -2.15 13.81
CA VAL C 78 21.76 -3.22 12.86
C VAL C 78 22.92 -4.21 12.87
N TYR C 79 22.64 -5.51 12.75
CA TYR C 79 23.69 -6.51 12.72
C TYR C 79 23.58 -7.42 11.53
N LEU C 80 24.71 -7.92 11.09
CA LEU C 80 24.75 -8.91 10.03
C LEU C 80 25.70 -9.98 10.52
N GLN C 81 25.12 -11.10 10.97
CA GLN C 81 25.86 -12.28 11.39
C GLN C 81 26.15 -13.03 10.11
N MET C 82 27.41 -13.21 9.76
CA MET C 82 27.79 -13.88 8.52
C MET C 82 28.43 -15.21 8.81
N ASN C 83 27.71 -16.31 8.61
CA ASN C 83 28.26 -17.64 8.85
C ASN C 83 28.65 -18.32 7.53
N SER C 84 29.47 -19.40 7.61
CA SER C 84 29.88 -20.21 6.46
C SER C 84 30.43 -19.36 5.31
N LEU C 85 31.27 -18.37 5.66
CA LEU C 85 31.86 -17.43 4.71
C LEU C 85 32.76 -18.07 3.67
N GLU C 86 32.55 -17.78 2.40
CA GLU C 86 33.40 -18.29 1.31
C GLU C 86 34.17 -17.16 0.62
N PRO C 87 35.25 -17.42 -0.13
CA PRO C 87 36.00 -16.30 -0.74
C PRO C 87 35.17 -15.37 -1.62
N GLU C 88 34.02 -15.86 -2.14
CA GLU C 88 33.06 -15.09 -2.93
C GLU C 88 32.39 -13.94 -2.11
N ASP C 89 32.40 -14.06 -0.79
CA ASP C 89 31.84 -13.07 0.13
C ASP C 89 32.76 -11.89 0.39
N THR C 90 34.03 -11.90 -0.13
CA THR C 90 34.99 -10.82 0.01
C THR C 90 34.44 -9.57 -0.68
N ALA C 91 34.25 -8.50 0.09
CA ALA C 91 33.64 -7.26 -0.41
C ALA C 91 33.74 -6.14 0.68
N VAL C 92 33.42 -4.88 0.32
CA VAL C 92 33.25 -3.81 1.29
C VAL C 92 31.74 -3.91 1.62
N TYR C 93 31.41 -3.97 2.90
CA TYR C 93 30.03 -4.10 3.34
C TYR C 93 29.52 -2.76 3.82
N TYR C 94 28.38 -2.36 3.28
CA TYR C 94 27.74 -1.10 3.59
C TYR C 94 26.39 -1.27 4.33
N CYS C 95 26.15 -0.38 5.27
CA CYS C 95 24.93 -0.25 6.02
C CYS C 95 24.13 0.89 5.38
N ALA C 96 22.83 0.67 5.16
CA ALA C 96 22.00 1.69 4.57
C ALA C 96 20.61 1.77 5.25
N ALA C 97 19.94 2.93 5.14
CA ALA C 97 18.66 3.16 5.75
C ALA C 97 17.69 3.68 4.75
N GLU C 98 16.46 3.17 4.82
CA GLU C 98 15.37 3.58 3.96
C GLU C 98 14.21 4.14 4.79
N ARG C 99 13.75 5.37 4.47
CA ARG C 99 12.62 5.97 5.16
C ARG C 99 11.34 5.42 4.52
N THR C 100 11.01 4.14 4.83
CA THR C 100 9.81 3.44 4.35
C THR C 100 8.56 4.25 4.67
N GLY C 101 7.68 4.38 3.69
CA GLY C 101 6.48 5.18 3.81
C GLY C 101 6.66 6.61 3.28
N TRP C 102 7.88 7.00 2.96
CA TRP C 102 8.19 8.36 2.52
C TRP C 102 9.16 8.40 1.33
N SER C 103 9.87 7.32 1.11
CA SER C 103 10.87 7.21 0.06
C SER C 103 10.83 5.78 -0.51
N SER C 104 11.23 5.65 -1.77
CA SER C 104 11.38 4.34 -2.38
C SER C 104 12.87 3.90 -2.41
N GLU C 105 13.78 4.72 -1.82
CA GLU C 105 15.20 4.48 -1.91
C GLU C 105 15.91 4.35 -0.58
N TYR C 106 17.12 3.77 -0.59
CA TYR C 106 17.99 3.80 0.56
C TYR C 106 18.74 5.11 0.35
N ASP C 107 18.38 6.16 1.08
CA ASP C 107 19.00 7.47 0.93
C ASP C 107 20.20 7.67 1.83
N TYR C 108 20.37 6.87 2.87
CA TYR C 108 21.41 7.05 3.86
C TYR C 108 22.36 5.90 3.82
N TRP C 109 23.66 6.19 3.79
CA TRP C 109 24.68 5.17 3.62
C TRP C 109 25.86 5.40 4.52
N GLY C 110 26.40 4.30 5.04
CA GLY C 110 27.65 4.34 5.79
C GLY C 110 28.83 4.30 4.81
N LYS C 111 30.06 4.50 5.31
CA LYS C 111 31.24 4.51 4.44
C LYS C 111 31.81 3.09 4.13
N GLY C 112 31.28 2.07 4.77
CA GLY C 112 31.67 0.70 4.56
C GLY C 112 32.62 0.11 5.59
N THR C 113 32.71 -1.22 5.59
CA THR C 113 33.62 -2.01 6.43
C THR C 113 34.14 -3.15 5.53
N PRO C 114 35.46 -3.34 5.42
CA PRO C 114 35.98 -4.36 4.51
C PRO C 114 35.95 -5.77 5.08
N VAL C 115 35.49 -6.75 4.31
CA VAL C 115 35.46 -8.14 4.72
C VAL C 115 36.28 -8.96 3.70
N THR C 116 37.33 -9.67 4.15
CA THR C 116 38.14 -10.46 3.25
C THR C 116 38.16 -11.92 3.65
N VAL C 117 37.68 -12.83 2.78
CA VAL C 117 37.74 -14.26 3.07
C VAL C 117 38.93 -14.86 2.29
N SER C 118 40.11 -14.92 2.94
CA SER C 118 41.41 -15.36 2.39
C SER C 118 41.49 -16.80 1.86
N SER C 119 42.05 -16.96 0.64
CA SER C 119 42.27 -18.23 -0.06
C SER C 119 40.95 -18.95 -0.37
#